data_2CJI
#
_entry.id   2CJI
#
_cell.length_a   56.968
_cell.length_b   72.633
_cell.length_c   79.784
_cell.angle_alpha   90.00
_cell.angle_beta   90.00
_cell.angle_gamma   90.00
#
_symmetry.space_group_name_H-M   'P 21 21 21'
#
loop_
_entity.id
_entity.type
_entity.pdbx_description
1 polymer 'ACTIVATED FACTOR XA HEAVY CHAIN'
2 polymer 'FACTOR X LIGHT CHAIN'
3 non-polymer 'CALCIUM ION'
4 non-polymer '6-CHLORO-N-{(3S)-1-[(1S)-1-METHYL-2-(4-MORPHOLINYL)-2-OXO ETHYL]-2-OXO-3-PYRROLIDINYL}-2-NAPHTHALENESULFONAMIDE'
5 water water
#
loop_
_entity_poly.entity_id
_entity_poly.type
_entity_poly.pdbx_seq_one_letter_code
_entity_poly.pdbx_strand_id
1 'polypeptide(L)'
;IVGGQECKDGECPWQALLINEENEGFCGGTILSEFYILTAAHCLYQAKRFKVRVGDRNTEQEEGGEAVHEVEVVIKHNRF
TKETYDFDIAVLRLKTPITFRMNVAPACLPERDWAESTLMTQKTGIVSGFGRTHEKGRQSTRLKMLEVPYVDRNSCKLSS
SFIITQNMFCAGYDTKQEDACQGDSGGPHVTRFKDTYFVTGIVSWGEGCARKGKYGIYTKVTAFLKWIDRSMKTRGLPKA
KSHAPEVITSSPLK
;
A
2 'polypeptide(L)'
;EEMKKGHLERECMEETCSYEEAREVFEDSDKTNEFWNKYKDGDQCETSPCQNQGKCKDGLGEYTCTCLEGFEGKNCELFT
RKLCSLDNGDCDQFCHEEQNSVVCSCARGYTLADNGKACIPTGPYPCGKQTLER
;
B
#
loop_
_chem_comp.id
_chem_comp.type
_chem_comp.name
_chem_comp.formula
CA non-polymer 'CALCIUM ION' 'Ca 2'
GSK non-polymer '6-CHLORO-N-{(3S)-1-[(1S)-1-METHYL-2-(4-MORPHOLINYL)-2-OXO ETHYL]-2-OXO-3-PYRROLIDINYL}-2-NAPHTHALENESULFONAMIDE' 'C21 H24 Cl N3 O5 S'
#
# COMPACT_ATOMS: atom_id res chain seq x y z
N ILE A 1 -12.36 4.95 4.54
CA ILE A 1 -11.56 6.07 5.14
C ILE A 1 -12.42 7.08 5.92
N VAL A 2 -12.16 7.20 7.23
CA VAL A 2 -12.83 8.19 8.07
C VAL A 2 -11.99 9.46 8.00
N GLY A 3 -12.58 10.58 7.58
CA GLY A 3 -11.77 11.82 7.51
C GLY A 3 -10.95 11.95 6.23
N GLY A 4 -9.82 12.63 6.28
CA GLY A 4 -8.95 12.83 5.12
C GLY A 4 -9.57 13.58 3.94
N GLN A 5 -9.21 13.16 2.73
CA GLN A 5 -9.62 13.88 1.52
C GLN A 5 -9.83 12.98 0.30
N GLU A 6 -10.47 13.52 -0.74
CA GLU A 6 -10.62 12.80 -2.01
C GLU A 6 -9.29 12.70 -2.71
N CYS A 7 -9.00 11.56 -3.33
CA CYS A 7 -7.81 11.52 -4.20
C CYS A 7 -8.17 12.34 -5.44
N LYS A 8 -7.34 13.30 -5.79
CA LYS A 8 -7.54 14.14 -6.96
C LYS A 8 -6.95 13.42 -8.18
N ASP A 9 -7.21 13.96 -9.36
CA ASP A 9 -6.85 13.31 -10.62
C ASP A 9 -5.37 12.86 -10.62
N GLY A 10 -5.10 11.57 -10.79
CA GLY A 10 -3.67 11.13 -10.85
C GLY A 10 -2.89 10.97 -9.55
N GLU A 11 -3.53 11.23 -8.40
CA GLU A 11 -2.86 11.21 -7.10
C GLU A 11 -2.74 9.87 -6.40
N CYS A 12 -3.60 8.90 -6.75
CA CYS A 12 -3.56 7.58 -6.11
C CYS A 12 -3.69 6.50 -7.18
N PRO A 13 -2.79 6.53 -8.17
CA PRO A 13 -2.88 5.68 -9.36
C PRO A 13 -2.67 4.17 -9.15
N TRP A 14 -2.09 3.82 -8.00
CA TRP A 14 -1.81 2.42 -7.60
C TRP A 14 -2.95 1.74 -6.85
N GLN A 15 -4.05 2.47 -6.59
CA GLN A 15 -5.22 1.87 -5.95
C GLN A 15 -5.92 0.80 -6.83
N ALA A 16 -6.17 -0.40 -6.30
CA ALA A 16 -7.02 -1.36 -6.99
C ALA A 16 -8.22 -1.61 -6.09
N LEU A 17 -9.35 -2.02 -6.69
CA LEU A 17 -10.57 -2.37 -5.91
C LEU A 17 -11.03 -3.80 -6.24
N LEU A 18 -11.18 -4.67 -5.24
CA LEU A 18 -11.67 -6.02 -5.49
C LEU A 18 -13.18 -5.94 -5.52
N ILE A 19 -13.79 -6.42 -6.59
CA ILE A 19 -15.25 -6.31 -6.77
C ILE A 19 -15.94 -7.69 -6.81
N ASN A 20 -17.10 -7.76 -6.14
CA ASN A 20 -17.89 -8.97 -6.12
C ASN A 20 -18.77 -9.15 -7.38
N GLU A 21 -19.50 -10.28 -7.41
CA GLU A 21 -20.44 -10.67 -8.48
C GLU A 21 -21.38 -9.53 -8.88
N GLU A 22 -21.81 -8.74 -7.90
CA GLU A 22 -22.70 -7.60 -8.13
C GLU A 22 -21.96 -6.30 -8.49
N ASN A 23 -20.66 -6.40 -8.79
CA ASN A 23 -19.83 -5.21 -9.11
C ASN A 23 -19.72 -4.23 -7.95
N GLU A 24 -19.66 -4.77 -6.73
CA GLU A 24 -19.52 -3.94 -5.55
C GLU A 24 -18.16 -4.22 -4.90
N GLY A 25 -17.45 -3.15 -4.56
CA GLY A 25 -16.16 -3.29 -3.87
C GLY A 25 -16.34 -3.82 -2.46
N PHE A 26 -15.47 -4.75 -2.07
CA PHE A 26 -15.47 -5.29 -0.71
C PHE A 26 -14.05 -5.28 -0.08
N CYS A 27 -13.03 -4.89 -0.84
CA CYS A 27 -11.63 -4.83 -0.34
C CYS A 27 -10.77 -4.06 -1.36
N GLY A 28 -9.64 -3.54 -0.90
CA GLY A 28 -8.74 -2.78 -1.76
C GLY A 28 -7.56 -3.64 -2.15
N GLY A 29 -6.67 -3.05 -2.93
CA GLY A 29 -5.41 -3.69 -3.37
C GLY A 29 -4.42 -2.60 -3.82
N THR A 30 -3.16 -3.00 -4.00
CA THR A 30 -2.10 -2.12 -4.52
C THR A 30 -1.50 -2.76 -5.80
N ILE A 31 -1.45 -1.96 -6.87
CA ILE A 31 -0.83 -2.34 -8.12
C ILE A 31 0.68 -2.36 -7.94
N LEU A 32 1.29 -3.54 -8.17
CA LEU A 32 2.72 -3.73 -8.02
C LEU A 32 3.44 -3.78 -9.37
N SER A 33 2.69 -4.13 -10.43
CA SER A 33 3.26 -4.30 -11.79
C SER A 33 2.12 -4.58 -12.75
N GLU A 34 2.40 -4.77 -14.04
CA GLU A 34 1.31 -4.97 -15.01
C GLU A 34 0.51 -6.24 -14.75
N PHE A 35 1.13 -7.24 -14.12
CA PHE A 35 0.42 -8.51 -13.80
C PHE A 35 0.04 -8.75 -12.35
N TYR A 36 0.62 -7.99 -11.39
CA TYR A 36 0.38 -8.26 -9.97
C TYR A 36 -0.28 -7.21 -9.06
N ILE A 37 -1.22 -7.69 -8.24
CA ILE A 37 -1.92 -6.91 -7.20
C ILE A 37 -1.56 -7.43 -5.77
N LEU A 38 -1.25 -6.51 -4.86
CA LEU A 38 -1.02 -6.84 -3.45
C LEU A 38 -2.32 -6.61 -2.69
N THR A 39 -2.75 -7.60 -1.87
CA THR A 39 -3.95 -7.39 -1.03
C THR A 39 -3.81 -8.15 0.31
N ALA A 40 -4.89 -8.22 1.09
CA ALA A 40 -4.86 -8.92 2.38
C ALA A 40 -5.44 -10.32 2.23
N ALA A 41 -4.78 -11.30 2.88
CA ALA A 41 -5.21 -12.69 2.89
C ALA A 41 -6.64 -12.83 3.39
N HIS A 42 -6.97 -12.08 4.44
CA HIS A 42 -8.32 -12.15 4.99
C HIS A 42 -9.40 -11.76 3.98
N CYS A 43 -9.04 -10.98 2.97
CA CYS A 43 -10.05 -10.53 1.98
C CYS A 43 -10.54 -11.64 1.08
N LEU A 44 -9.76 -12.71 0.96
CA LEU A 44 -10.05 -13.85 0.07
C LEU A 44 -11.10 -14.80 0.64
N TYR A 45 -11.80 -14.34 1.68
CA TYR A 45 -12.87 -15.12 2.27
C TYR A 45 -14.14 -14.30 2.23
N GLN A 46 -14.03 -13.06 1.71
CA GLN A 46 -15.15 -12.11 1.63
C GLN A 46 -15.98 -12.21 0.32
N ALA A 47 -15.70 -13.24 -0.48
CA ALA A 47 -16.41 -13.52 -1.76
C ALA A 47 -15.87 -14.78 -2.47
N LYS A 48 -16.76 -15.46 -3.19
CA LYS A 48 -16.43 -16.69 -3.95
C LYS A 48 -15.74 -16.32 -5.26
N ARG A 49 -16.40 -15.49 -6.09
CA ARG A 49 -15.83 -15.06 -7.35
C ARG A 49 -15.65 -13.55 -7.31
N PHE A 50 -14.46 -13.09 -7.67
CA PHE A 50 -14.18 -11.66 -7.70
C PHE A 50 -13.23 -11.26 -8.83
N LYS A 51 -13.27 -9.97 -9.15
CA LYS A 51 -12.41 -9.35 -10.17
C LYS A 51 -11.72 -8.12 -9.55
N VAL A 52 -10.76 -7.58 -10.29
CA VAL A 52 -10.05 -6.38 -9.85
C VAL A 52 -10.32 -5.21 -10.79
N ARG A 53 -10.75 -4.09 -10.21
CA ARG A 53 -10.90 -2.85 -10.97
C ARG A 53 -9.81 -1.80 -10.63
N VAL A 54 -9.29 -1.15 -11.66
CA VAL A 54 -8.26 -0.11 -11.52
C VAL A 54 -8.69 1.16 -12.28
N GLY A 55 -8.02 2.28 -12.01
CA GLY A 55 -8.31 3.55 -12.67
C GLY A 55 -9.65 4.17 -12.31
N ASP A 56 -10.20 3.88 -11.15
CA ASP A 56 -11.51 4.41 -10.77
C ASP A 56 -11.40 5.38 -9.59
N ARG A 57 -12.07 6.54 -9.67
CA ARG A 57 -12.15 7.45 -8.49
C ARG A 57 -13.58 7.77 -8.01
N ASN A 58 -14.56 7.57 -8.88
CA ASN A 58 -15.97 7.84 -8.58
C ASN A 58 -16.78 6.65 -9.09
N THR A 59 -17.24 5.79 -8.16
CA THR A 59 -18.00 4.59 -8.55
C THR A 59 -19.41 4.88 -9.11
N GLU A 60 -19.74 6.16 -9.28
CA GLU A 60 -21.06 6.58 -9.78
C GLU A 60 -21.09 7.14 -11.21
N GLN A 61 -19.93 7.24 -11.85
CA GLN A 61 -19.81 7.80 -13.22
C GLN A 61 -18.69 7.11 -13.98
N GLU A 62 -18.75 7.16 -15.32
CA GLU A 62 -17.70 6.58 -16.17
C GLU A 62 -16.69 7.70 -16.52
N GLU A 63 -15.51 7.64 -15.92
CA GLU A 63 -14.46 8.64 -16.13
C GLU A 63 -13.59 8.35 -17.36
N GLY A 64 -13.63 7.10 -17.83
CA GLY A 64 -12.91 6.69 -19.02
C GLY A 64 -11.57 6.03 -18.76
N GLY A 65 -11.14 5.98 -17.52
CA GLY A 65 -9.87 5.34 -17.20
C GLY A 65 -10.02 3.95 -16.62
N GLU A 66 -11.26 3.57 -16.28
CA GLU A 66 -11.53 2.31 -15.58
C GLU A 66 -11.20 1.06 -16.39
N ALA A 67 -10.74 0.01 -15.71
CA ALA A 67 -10.51 -1.25 -16.41
C ALA A 67 -10.77 -2.39 -15.43
N VAL A 68 -11.51 -3.41 -15.86
CA VAL A 68 -11.74 -4.57 -15.00
C VAL A 68 -10.82 -5.67 -15.51
N HIS A 69 -10.22 -6.39 -14.56
CA HIS A 69 -9.31 -7.50 -14.81
C HIS A 69 -9.71 -8.74 -14.03
N GLU A 70 -9.60 -9.90 -14.71
CA GLU A 70 -9.83 -11.21 -14.12
C GLU A 70 -8.58 -11.76 -13.45
N VAL A 71 -8.80 -12.55 -12.41
CA VAL A 71 -7.70 -13.15 -11.68
C VAL A 71 -7.37 -14.56 -12.18
N GLU A 72 -6.12 -14.76 -12.56
CA GLU A 72 -5.62 -16.05 -13.00
C GLU A 72 -5.17 -16.91 -11.82
N VAL A 73 -4.54 -16.29 -10.82
CA VAL A 73 -4.01 -17.01 -9.65
C VAL A 73 -4.14 -16.20 -8.36
N VAL A 74 -4.59 -16.87 -7.29
CA VAL A 74 -4.60 -16.29 -5.94
C VAL A 74 -3.43 -16.91 -5.17
N ILE A 75 -2.51 -16.07 -4.70
CA ILE A 75 -1.36 -16.54 -3.90
C ILE A 75 -1.48 -16.02 -2.44
N LYS A 76 -2.02 -16.86 -1.55
CA LYS A 76 -2.25 -16.49 -0.17
C LYS A 76 -1.07 -16.95 0.69
N HIS A 77 -0.68 -16.18 1.72
CA HIS A 77 0.44 -16.64 2.55
C HIS A 77 -0.03 -17.92 3.26
N ASN A 78 0.80 -18.96 3.21
CA ASN A 78 0.43 -20.24 3.79
C ASN A 78 0.41 -20.28 5.32
N ARG A 79 1.06 -19.30 5.97
CA ARG A 79 1.03 -19.21 7.43
C ARG A 79 -0.06 -18.25 7.95
N PHE A 80 -0.89 -17.72 7.07
CA PHE A 80 -1.98 -16.84 7.49
C PHE A 80 -2.92 -17.55 8.45
N THR A 81 -3.42 -16.84 9.46
CA THR A 81 -4.39 -17.41 10.39
C THR A 81 -5.47 -16.43 10.77
N LYS A 82 -6.71 -16.92 10.75
CA LYS A 82 -7.87 -16.09 11.08
C LYS A 82 -7.97 -15.70 12.55
N GLU A 83 -7.29 -16.42 13.43
CA GLU A 83 -7.46 -16.09 14.84
C GLU A 83 -6.77 -14.80 15.27
N THR A 84 -5.62 -14.50 14.65
CA THR A 84 -4.85 -13.32 14.98
C THR A 84 -4.65 -12.33 13.80
N TYR A 85 -4.91 -12.82 12.59
CA TYR A 85 -4.63 -12.12 11.31
C TYR A 85 -3.12 -11.97 11.08
N ASP A 86 -2.33 -12.88 11.65
CA ASP A 86 -0.90 -12.87 11.45
C ASP A 86 -0.72 -13.33 10.00
N PHE A 87 0.36 -12.87 9.33
CA PHE A 87 0.61 -13.15 7.90
C PHE A 87 -0.61 -12.79 7.03
N ASP A 88 -1.15 -11.56 7.23
CA ASP A 88 -2.31 -11.10 6.46
C ASP A 88 -1.85 -10.47 5.13
N ILE A 89 -1.51 -11.31 4.16
CA ILE A 89 -0.97 -10.87 2.86
C ILE A 89 -1.20 -11.92 1.75
N ALA A 90 -1.63 -11.44 0.59
CA ALA A 90 -1.86 -12.24 -0.61
C ALA A 90 -1.42 -11.45 -1.82
N VAL A 91 -1.04 -12.17 -2.88
CA VAL A 91 -0.69 -11.58 -4.17
C VAL A 91 -1.58 -12.25 -5.24
N LEU A 92 -2.11 -11.44 -6.14
CA LEU A 92 -2.96 -11.88 -7.25
C LEU A 92 -2.24 -11.67 -8.60
N ARG A 93 -2.19 -12.74 -9.43
CA ARG A 93 -1.68 -12.60 -10.81
C ARG A 93 -2.89 -12.45 -11.72
N LEU A 94 -2.88 -11.43 -12.58
CA LEU A 94 -4.04 -11.19 -13.43
C LEU A 94 -3.98 -11.96 -14.76
N LYS A 95 -5.15 -12.29 -15.34
CA LYS A 95 -5.20 -12.97 -16.65
C LYS A 95 -4.61 -12.09 -17.77
N THR A 96 -4.93 -10.79 -17.76
CA THR A 96 -4.42 -9.84 -18.78
C THR A 96 -3.62 -8.70 -18.12
N PRO A 97 -2.59 -8.17 -18.82
CA PRO A 97 -1.79 -7.11 -18.16
C PRO A 97 -2.50 -5.74 -18.09
N ILE A 98 -2.22 -5.00 -17.01
CA ILE A 98 -2.77 -3.68 -16.82
C ILE A 98 -2.00 -2.74 -17.72
N THR A 99 -2.75 -1.95 -18.49
CA THR A 99 -2.13 -0.95 -19.33
C THR A 99 -2.05 0.35 -18.52
N PHE A 100 -0.84 0.77 -18.17
CA PHE A 100 -0.72 2.00 -17.38
C PHE A 100 -1.19 3.26 -18.14
N ARG A 101 -1.66 4.28 -17.43
CA ARG A 101 -2.20 5.52 -18.03
C ARG A 101 -2.54 6.45 -16.88
N MET A 102 -3.24 7.55 -17.19
CA MET A 102 -3.68 8.48 -16.16
C MET A 102 -4.53 7.72 -15.16
N ASN A 103 -4.19 7.83 -13.85
CA ASN A 103 -4.85 7.11 -12.76
C ASN A 103 -4.54 5.60 -12.62
N VAL A 104 -3.60 5.07 -13.40
CA VAL A 104 -3.26 3.64 -13.38
C VAL A 104 -1.74 3.48 -13.44
N ALA A 105 -1.10 3.31 -12.30
CA ALA A 105 0.39 3.15 -12.29
C ALA A 105 0.79 2.41 -11.03
N PRO A 106 1.94 1.70 -11.06
CA PRO A 106 2.34 0.97 -9.88
C PRO A 106 3.03 1.78 -8.80
N ALA A 107 2.93 1.28 -7.56
CA ALA A 107 3.68 1.84 -6.43
C ALA A 107 5.05 1.11 -6.40
N CYS A 108 6.11 1.69 -5.84
CA CYS A 108 7.41 1.00 -5.83
C CYS A 108 7.55 0.11 -4.63
N LEU A 109 8.25 -1.01 -4.82
CA LEU A 109 8.59 -1.90 -3.70
C LEU A 109 9.94 -1.44 -3.19
N PRO A 110 10.08 -1.17 -1.86
CA PRO A 110 11.39 -0.69 -1.35
C PRO A 110 12.30 -1.88 -1.00
N GLU A 111 13.57 -1.63 -0.70
CA GLU A 111 14.41 -2.66 -0.08
C GLU A 111 14.17 -2.63 1.45
N ARG A 112 14.20 -3.80 2.10
CA ARG A 112 13.89 -3.91 3.57
C ARG A 112 14.63 -2.96 4.52
N ASP A 113 15.96 -3.06 4.60
CA ASP A 113 16.71 -2.28 5.59
C ASP A 113 16.51 -0.78 5.39
N TRP A 114 16.59 -0.34 4.14
CA TRP A 114 16.36 1.10 3.81
C TRP A 114 14.95 1.57 4.19
N ALA A 115 13.94 0.80 3.83
CA ALA A 115 12.54 1.12 4.17
C ALA A 115 12.30 1.22 5.70
N GLU A 116 12.85 0.27 6.44
CA GLU A 116 12.68 0.26 7.90
C GLU A 116 13.45 1.36 8.60
N SER A 117 14.66 1.68 8.15
CA SER A 117 15.38 2.77 8.80
C SER A 117 15.05 4.18 8.27
N THR A 118 14.60 4.26 7.03
CA THR A 118 14.35 5.56 6.40
C THR A 118 12.87 5.91 6.09
N LEU A 119 12.09 4.95 5.62
CA LEU A 119 10.66 5.22 5.34
C LEU A 119 9.81 5.15 6.59
N MET A 120 10.00 4.05 7.34
CA MET A 120 9.20 3.78 8.55
C MET A 120 9.50 4.66 9.74
N THR A 121 10.46 5.57 9.57
CA THR A 121 10.85 6.54 10.58
C THR A 121 10.48 7.95 10.10
N GLN A 122 9.80 8.06 8.95
CA GLN A 122 9.24 9.36 8.48
C GLN A 122 8.05 9.65 9.44
N LYS A 123 7.54 10.89 9.47
CA LYS A 123 6.41 11.21 10.35
C LYS A 123 5.14 10.43 9.98
N THR A 124 4.87 10.33 8.68
CA THR A 124 3.59 9.76 8.23
C THR A 124 3.67 8.86 6.99
N GLY A 125 2.62 8.06 6.81
CA GLY A 125 2.38 7.30 5.58
C GLY A 125 1.02 7.74 5.04
N ILE A 126 0.55 7.18 3.93
CA ILE A 126 -0.75 7.55 3.37
C ILE A 126 -1.54 6.28 3.10
N VAL A 127 -2.80 6.25 3.55
CA VAL A 127 -3.66 5.12 3.38
C VAL A 127 -4.79 5.57 2.46
N SER A 128 -5.32 4.67 1.65
CA SER A 128 -6.41 5.03 0.74
C SER A 128 -7.47 3.93 0.50
N GLY A 129 -8.67 4.36 0.08
CA GLY A 129 -9.74 3.40 -0.24
C GLY A 129 -11.15 3.93 -0.47
N PHE A 130 -12.05 3.03 -0.91
CA PHE A 130 -13.49 3.34 -1.07
C PHE A 130 -14.26 2.73 0.10
N GLY A 131 -13.63 2.61 1.26
CA GLY A 131 -14.26 1.94 2.40
C GLY A 131 -15.19 2.86 3.17
N ARG A 132 -15.77 2.31 4.23
CA ARG A 132 -16.72 3.05 5.06
C ARG A 132 -16.16 4.37 5.52
N THR A 133 -17.04 5.34 5.57
CA THR A 133 -16.72 6.69 5.97
C THR A 133 -17.03 6.97 7.48
N HIS A 134 -17.66 5.98 8.12
CA HIS A 134 -18.01 5.99 9.56
C HIS A 134 -17.97 4.56 10.03
N GLU A 135 -17.70 4.35 11.31
CA GLU A 135 -17.66 2.99 11.85
C GLU A 135 -18.84 2.11 11.36
N LYS A 136 -20.02 2.72 11.24
CA LYS A 136 -21.19 2.00 10.73
C LYS A 136 -21.97 2.87 9.74
N GLY A 137 -21.20 3.53 8.86
CA GLY A 137 -21.75 4.32 7.78
C GLY A 137 -21.78 3.45 6.52
N ARG A 138 -22.08 4.08 5.39
CA ARG A 138 -22.08 3.42 4.08
C ARG A 138 -20.69 3.61 3.41
N GLN A 139 -20.38 2.74 2.46
CA GLN A 139 -19.12 2.87 1.72
C GLN A 139 -19.08 4.13 0.88
N SER A 140 -17.87 4.62 0.66
CA SER A 140 -17.64 5.81 -0.13
C SER A 140 -17.82 5.54 -1.62
N THR A 141 -18.38 6.51 -2.33
CA THR A 141 -18.49 6.39 -3.79
C THR A 141 -17.28 7.07 -4.39
N ARG A 142 -16.46 7.70 -3.54
CA ARG A 142 -15.28 8.44 -3.94
C ARG A 142 -14.03 7.87 -3.29
N LEU A 143 -12.98 7.69 -4.10
CA LEU A 143 -11.72 7.20 -3.55
C LEU A 143 -11.17 8.26 -2.64
N LYS A 144 -10.81 7.87 -1.44
CA LYS A 144 -10.23 8.79 -0.48
C LYS A 144 -8.82 8.37 -0.08
N MET A 145 -8.06 9.34 0.41
CA MET A 145 -6.74 9.13 0.97
C MET A 145 -6.62 9.94 2.29
N LEU A 146 -5.71 9.50 3.16
CA LEU A 146 -5.52 10.08 4.47
C LEU A 146 -4.09 9.90 4.95
N GLU A 147 -3.49 11.00 5.40
CA GLU A 147 -2.17 10.96 5.99
C GLU A 147 -2.26 10.42 7.44
N VAL A 148 -1.54 9.31 7.72
CA VAL A 148 -1.59 8.70 9.06
C VAL A 148 -0.21 8.62 9.74
N PRO A 149 -0.07 9.25 10.93
CA PRO A 149 1.23 9.13 11.59
C PRO A 149 1.64 7.70 11.89
N TYR A 150 2.93 7.41 11.81
CA TYR A 150 3.44 6.15 12.34
C TYR A 150 3.27 6.25 13.85
N VAL A 151 2.90 5.14 14.46
CA VAL A 151 2.68 5.11 15.91
C VAL A 151 3.74 4.24 16.62
N ASP A 152 4.33 4.78 17.68
CA ASP A 152 5.28 4.07 18.54
C ASP A 152 4.77 2.68 18.85
N ARG A 153 5.61 1.68 18.56
CA ARG A 153 5.26 0.26 18.73
C ARG A 153 4.83 -0.13 20.17
N ASN A 154 5.58 0.32 21.18
CA ASN A 154 5.21 0.04 22.58
C ASN A 154 3.82 0.61 22.90
N SER A 155 3.56 1.86 22.53
CA SER A 155 2.26 2.50 22.73
C SER A 155 1.17 1.71 22.04
N CYS A 156 1.47 1.22 20.83
CA CYS A 156 0.46 0.48 20.10
C CYS A 156 0.09 -0.79 20.84
N LYS A 157 1.10 -1.54 21.28
CA LYS A 157 0.88 -2.78 22.01
C LYS A 157 0.05 -2.53 23.28
N LEU A 158 0.34 -1.43 23.97
CA LEU A 158 -0.40 -1.10 25.19
C LEU A 158 -1.90 -0.86 24.97
N SER A 159 -2.24 -0.19 23.86
CA SER A 159 -3.63 0.12 23.50
C SER A 159 -4.46 -1.03 22.96
N SER A 160 -3.82 -2.11 22.55
CA SER A 160 -4.52 -3.21 21.87
C SER A 160 -5.00 -4.34 22.75
N SER A 161 -6.26 -4.72 22.56
CA SER A 161 -6.89 -5.84 23.23
C SER A 161 -6.58 -7.13 22.47
N PHE A 162 -5.88 -7.01 21.33
CA PHE A 162 -5.51 -8.17 20.49
C PHE A 162 -4.00 -8.20 20.24
N ILE A 163 -3.41 -9.38 20.06
CA ILE A 163 -1.96 -9.45 19.86
C ILE A 163 -1.45 -8.74 18.57
N ILE A 164 -0.35 -7.99 18.73
CA ILE A 164 0.35 -7.28 17.64
C ILE A 164 1.65 -8.06 17.39
N THR A 165 1.67 -8.82 16.30
CA THR A 165 2.80 -9.69 16.03
C THR A 165 3.92 -8.93 15.34
N GLN A 166 5.05 -9.61 15.13
CA GLN A 166 6.18 -9.01 14.44
C GLN A 166 5.82 -8.65 12.96
N ASN A 167 4.69 -9.15 12.45
CA ASN A 167 4.28 -8.95 11.04
C ASN A 167 3.27 -7.80 10.87
N MET A 168 3.16 -6.96 11.91
CA MET A 168 2.18 -5.89 11.98
C MET A 168 2.82 -4.62 12.46
N PHE A 169 2.19 -3.49 12.12
CA PHE A 169 2.61 -2.19 12.64
C PHE A 169 1.37 -1.30 12.79
N CYS A 170 1.50 -0.22 13.56
CA CYS A 170 0.34 0.62 13.82
C CYS A 170 0.52 2.02 13.27
N ALA A 171 -0.58 2.65 12.89
CA ALA A 171 -0.54 4.01 12.34
C ALA A 171 -1.89 4.66 12.57
N GLY A 172 -1.89 5.98 12.69
CA GLY A 172 -3.14 6.69 12.91
C GLY A 172 -3.07 7.64 14.10
N TYR A 173 -4.20 7.82 14.76
CA TYR A 173 -4.36 8.81 15.81
C TYR A 173 -4.97 8.28 17.08
N ASP A 174 -4.58 8.86 18.21
CA ASP A 174 -5.11 8.45 19.51
C ASP A 174 -6.60 8.80 19.56
N THR A 175 -6.92 10.10 19.49
CA THR A 175 -8.31 10.54 19.54
C THR A 175 -8.84 11.22 18.27
N LYS A 176 -7.99 11.87 17.49
CA LYS A 176 -8.50 12.53 16.26
C LYS A 176 -9.37 11.57 15.41
N GLN A 177 -10.43 12.10 14.78
CA GLN A 177 -11.35 11.23 14.01
C GLN A 177 -10.97 11.03 12.52
N GLU A 178 -9.87 10.30 12.35
CA GLU A 178 -9.33 9.91 11.06
C GLU A 178 -8.73 8.51 11.20
N ASP A 179 -9.11 7.62 10.31
CA ASP A 179 -8.68 6.22 10.32
C ASP A 179 -9.14 5.55 9.02
N ALA A 180 -8.59 4.37 8.72
CA ALA A 180 -9.11 3.56 7.65
C ALA A 180 -10.36 2.94 8.29
N CYS A 181 -11.17 2.21 7.52
CA CYS A 181 -12.36 1.57 8.08
C CYS A 181 -12.76 0.34 7.28
N GLN A 182 -13.96 -0.19 7.51
CA GLN A 182 -14.41 -1.39 6.79
C GLN A 182 -14.43 -1.20 5.28
N GLY A 183 -13.93 -2.20 4.55
CA GLY A 183 -13.89 -2.11 3.08
C GLY A 183 -12.61 -1.52 2.46
N ASP A 184 -11.77 -0.92 3.30
CA ASP A 184 -10.44 -0.43 2.92
C ASP A 184 -9.40 -1.55 3.03
N SER A 185 -9.75 -2.66 3.68
CA SER A 185 -8.83 -3.78 3.90
C SER A 185 -8.18 -4.25 2.61
N GLY A 186 -6.91 -4.64 2.67
CA GLY A 186 -6.18 -5.07 1.47
C GLY A 186 -5.56 -3.90 0.69
N GLY A 187 -6.04 -2.68 0.97
CA GLY A 187 -5.59 -1.43 0.31
C GLY A 187 -4.18 -0.91 0.59
N PRO A 188 -3.74 0.12 -0.14
CA PRO A 188 -2.37 0.63 0.07
C PRO A 188 -2.08 1.45 1.35
N HIS A 189 -0.90 1.22 1.92
CA HIS A 189 -0.30 2.13 2.91
C HIS A 189 1.00 2.39 2.19
N VAL A 190 1.20 3.66 1.77
CA VAL A 190 2.41 4.08 1.05
C VAL A 190 3.16 5.22 1.80
N THR A 191 4.48 5.28 1.57
CA THR A 191 5.31 6.31 2.18
C THR A 191 6.03 7.10 1.09
N ARG A 192 5.89 8.43 1.13
CA ARG A 192 6.54 9.31 0.16
C ARG A 192 7.99 9.65 0.57
N PHE A 193 8.93 9.55 -0.39
CA PHE A 193 10.34 9.93 -0.18
C PHE A 193 10.81 10.63 -1.47
N LYS A 194 11.14 11.94 -1.38
CA LYS A 194 11.54 12.74 -2.55
C LYS A 194 10.56 12.57 -3.73
N ASP A 195 9.27 12.79 -3.46
CA ASP A 195 8.22 12.67 -4.50
C ASP A 195 8.07 11.30 -5.19
N THR A 196 8.56 10.23 -4.55
CA THR A 196 8.37 8.85 -5.02
C THR A 196 7.67 8.07 -3.89
N TYR A 197 6.60 7.33 -4.22
CA TYR A 197 5.79 6.61 -3.27
C TYR A 197 6.09 5.10 -3.24
N PHE A 198 6.45 4.60 -2.07
CA PHE A 198 6.80 3.19 -1.87
C PHE A 198 5.78 2.47 -1.00
N VAL A 199 5.45 1.23 -1.35
CA VAL A 199 4.56 0.42 -0.51
C VAL A 199 5.21 0.07 0.84
N THR A 200 4.55 0.47 1.95
CA THR A 200 5.05 0.16 3.29
C THR A 200 4.07 -0.69 4.14
N GLY A 201 2.82 -0.78 3.71
CA GLY A 201 1.81 -1.48 4.51
C GLY A 201 0.60 -1.91 3.70
N ILE A 202 -0.18 -2.82 4.28
CA ILE A 202 -1.45 -3.26 3.73
C ILE A 202 -2.51 -3.08 4.85
N VAL A 203 -3.64 -2.45 4.53
CA VAL A 203 -4.74 -2.24 5.49
C VAL A 203 -5.23 -3.62 6.03
N SER A 204 -5.10 -3.85 7.34
CA SER A 204 -5.39 -5.19 7.89
C SER A 204 -6.59 -5.23 8.86
N TRP A 205 -6.51 -4.51 9.98
CA TRP A 205 -7.60 -4.54 10.95
C TRP A 205 -7.61 -3.42 12.00
N GLY A 206 -8.59 -3.44 12.88
CA GLY A 206 -8.68 -2.42 13.96
C GLY A 206 -9.91 -2.63 14.81
N GLU A 207 -9.84 -2.23 16.07
CA GLU A 207 -11.00 -2.33 17.00
C GLU A 207 -11.97 -1.19 16.68
N GLY A 208 -12.86 -1.45 15.71
CA GLY A 208 -13.72 -0.39 15.17
C GLY A 208 -12.96 0.50 14.18
N CYS A 209 -13.39 1.75 14.04
CA CYS A 209 -12.75 2.69 13.15
C CYS A 209 -12.64 4.00 13.88
N ALA A 210 -11.44 4.56 13.93
CA ALA A 210 -11.22 5.86 14.57
C ALA A 210 -11.64 5.99 16.07
N ARG A 211 -11.68 4.87 16.81
CA ARG A 211 -12.03 4.93 18.25
C ARG A 211 -10.92 5.52 19.10
N LYS A 212 -11.32 6.22 20.17
CA LYS A 212 -10.39 6.84 21.12
C LYS A 212 -9.48 5.76 21.71
N GLY A 213 -8.18 6.05 21.76
CA GLY A 213 -7.20 5.12 22.33
C GLY A 213 -6.89 3.86 21.51
N LYS A 214 -7.42 3.80 20.28
CA LYS A 214 -7.20 2.69 19.36
C LYS A 214 -6.61 3.17 18.04
N TYR A 215 -5.73 2.36 17.41
CA TYR A 215 -5.07 2.70 16.14
C TYR A 215 -5.38 1.70 15.02
N GLY A 216 -5.00 2.01 13.77
CA GLY A 216 -5.19 1.06 12.66
C GLY A 216 -3.98 0.14 12.58
N ILE A 217 -4.22 -1.14 12.38
CA ILE A 217 -3.12 -2.10 12.25
C ILE A 217 -2.93 -2.54 10.77
N TYR A 218 -1.68 -2.56 10.32
CA TYR A 218 -1.30 -2.83 8.94
C TYR A 218 -0.33 -4.00 8.87
N THR A 219 -0.46 -4.79 7.82
CA THR A 219 0.57 -5.81 7.56
C THR A 219 1.90 -5.07 7.26
N LYS A 220 2.98 -5.52 7.88
CA LYS A 220 4.31 -4.96 7.73
C LYS A 220 4.98 -5.54 6.47
N VAL A 221 4.73 -4.87 5.35
CA VAL A 221 5.27 -5.27 4.05
C VAL A 221 6.78 -5.54 4.05
N THR A 222 7.55 -4.75 4.80
CA THR A 222 9.00 -4.94 4.76
C THR A 222 9.43 -6.31 5.25
N ALA A 223 8.62 -6.96 6.08
CA ALA A 223 8.94 -8.32 6.55
C ALA A 223 8.61 -9.38 5.48
N PHE A 224 7.89 -8.95 4.44
CA PHE A 224 7.44 -9.84 3.34
C PHE A 224 8.05 -9.60 1.94
N LEU A 225 9.09 -8.79 1.86
CA LEU A 225 9.68 -8.46 0.56
C LEU A 225 10.24 -9.68 -0.23
N LYS A 226 10.87 -10.62 0.47
CA LYS A 226 11.38 -11.79 -0.27
C LYS A 226 10.23 -12.68 -0.70
N TRP A 227 9.21 -12.81 0.14
CA TRP A 227 8.00 -13.61 -0.18
C TRP A 227 7.25 -13.02 -1.38
N ILE A 228 7.09 -11.69 -1.39
CA ILE A 228 6.46 -10.99 -2.52
C ILE A 228 7.29 -11.24 -3.79
N ASP A 229 8.61 -11.11 -3.70
CA ASP A 229 9.46 -11.33 -4.90
C ASP A 229 9.27 -12.74 -5.47
N ARG A 230 9.28 -13.74 -4.60
CA ARG A 230 9.06 -15.14 -5.02
C ARG A 230 7.69 -15.30 -5.66
N SER A 231 6.66 -14.78 -5.01
CA SER A 231 5.32 -14.90 -5.57
C SER A 231 5.16 -14.30 -6.97
N MET A 232 5.87 -13.20 -7.23
CA MET A 232 5.79 -12.50 -8.50
C MET A 232 6.61 -13.15 -9.62
N LYS A 233 7.52 -14.06 -9.27
CA LYS A 233 8.30 -14.72 -10.32
C LYS A 233 7.57 -16.00 -10.70
N THR A 234 6.74 -16.50 -9.78
CA THR A 234 5.92 -17.69 -9.95
C THR A 234 4.53 -17.44 -9.40
N LYS B 82 26.26 10.14 10.10
CA LYS B 82 27.29 9.74 9.07
C LYS B 82 26.76 8.85 7.92
N LEU B 83 27.34 8.99 6.73
CA LEU B 83 26.95 8.23 5.54
C LEU B 83 25.42 8.22 5.25
N CYS B 84 24.79 7.04 5.18
CA CYS B 84 23.35 6.98 4.88
C CYS B 84 22.45 7.68 5.92
N SER B 85 22.94 7.86 7.15
CA SER B 85 22.18 8.55 8.21
C SER B 85 22.25 10.06 8.00
N LEU B 86 23.17 10.53 7.17
CA LEU B 86 23.26 11.96 6.85
C LEU B 86 22.54 12.30 5.54
N ASP B 87 21.30 12.77 5.65
CA ASP B 87 20.48 13.13 4.48
C ASP B 87 20.43 12.01 3.41
N ASN B 88 20.28 10.77 3.87
CA ASN B 88 20.18 9.60 2.96
C ASN B 88 21.40 9.46 2.06
N GLY B 89 22.55 9.98 2.52
CA GLY B 89 23.79 9.93 1.74
C GLY B 89 23.74 10.67 0.39
N ASP B 90 22.78 11.61 0.24
CA ASP B 90 22.56 12.39 -1.03
C ASP B 90 21.92 11.49 -2.14
N CYS B 91 21.53 10.26 -1.79
CA CYS B 91 20.86 9.33 -2.73
C CYS B 91 19.41 9.73 -3.01
N ASP B 92 18.91 9.54 -4.23
CA ASP B 92 17.50 9.78 -4.54
C ASP B 92 16.59 8.71 -3.88
N GLN B 93 17.07 7.46 -3.88
CA GLN B 93 16.31 6.32 -3.36
C GLN B 93 17.08 5.52 -2.33
N PHE B 94 17.41 4.26 -2.62
CA PHE B 94 18.05 3.38 -1.65
C PHE B 94 19.50 3.77 -1.40
N CYS B 95 19.92 3.63 -0.16
CA CYS B 95 21.27 3.97 0.26
C CYS B 95 21.75 2.80 1.09
N HIS B 96 22.97 2.36 0.82
CA HIS B 96 23.63 1.28 1.54
C HIS B 96 25.08 1.70 1.87
N GLU B 97 25.60 1.28 3.02
CA GLU B 97 27.00 1.58 3.37
C GLU B 97 27.90 0.39 3.07
N GLU B 98 28.95 0.62 2.28
CA GLU B 98 29.94 -0.41 1.96
C GLU B 98 31.33 0.14 2.30
N GLN B 99 31.98 -0.49 3.28
CA GLN B 99 33.34 -0.13 3.69
C GLN B 99 33.50 1.38 3.81
N ASN B 100 32.94 1.94 4.88
CA ASN B 100 32.94 3.40 5.13
C ASN B 100 32.60 4.29 3.90
N SER B 101 31.70 3.80 3.04
CA SER B 101 31.32 4.50 1.81
C SER B 101 29.83 4.34 1.45
N VAL B 102 29.18 5.42 1.06
CA VAL B 102 27.77 5.37 0.62
C VAL B 102 27.66 4.76 -0.78
N VAL B 103 26.72 3.84 -0.97
CA VAL B 103 26.44 3.31 -2.33
C VAL B 103 24.93 3.52 -2.59
N CYS B 104 24.58 4.29 -3.63
CA CYS B 104 23.15 4.51 -3.92
C CYS B 104 22.61 3.48 -4.93
N SER B 105 21.31 3.21 -4.87
CA SER B 105 20.64 2.31 -5.85
C SER B 105 19.18 2.76 -6.06
N CYS B 106 18.44 2.10 -6.97
CA CYS B 106 17.11 2.54 -7.35
C CYS B 106 16.12 1.37 -7.48
N ALA B 107 14.82 1.66 -7.39
CA ALA B 107 13.77 0.66 -7.57
C ALA B 107 13.79 0.12 -8.99
N ARG B 108 13.12 -1.02 -9.17
CA ARG B 108 13.07 -1.65 -10.47
C ARG B 108 12.33 -0.68 -11.41
N GLY B 109 12.87 -0.47 -12.59
CA GLY B 109 12.30 0.47 -13.57
C GLY B 109 12.99 1.82 -13.57
N TYR B 110 14.03 1.99 -12.75
CA TYR B 110 14.85 3.24 -12.77
C TYR B 110 16.29 2.80 -13.02
N THR B 111 17.11 3.68 -13.59
CA THR B 111 18.55 3.37 -13.68
C THR B 111 19.31 4.46 -12.92
N LEU B 112 20.43 4.09 -12.32
CA LEU B 112 21.23 5.00 -11.52
C LEU B 112 21.97 5.94 -12.50
N ALA B 113 21.85 7.24 -12.29
CA ALA B 113 22.48 8.22 -13.22
C ALA B 113 24.02 8.15 -13.18
N ASP B 114 24.67 8.90 -14.07
CA ASP B 114 26.14 8.96 -14.18
C ASP B 114 26.79 9.43 -12.87
N ASN B 115 26.12 10.33 -12.14
CA ASN B 115 26.64 10.79 -10.87
C ASN B 115 26.54 9.78 -9.74
N GLY B 116 25.95 8.62 -10.01
CA GLY B 116 25.84 7.55 -9.01
C GLY B 116 24.92 7.84 -7.83
N LYS B 117 24.03 8.82 -7.99
CA LYS B 117 23.09 9.21 -6.93
C LYS B 117 21.61 9.30 -7.38
N ALA B 118 21.36 9.95 -8.51
CA ALA B 118 19.98 10.17 -8.95
C ALA B 118 19.48 8.91 -9.68
N CYS B 119 18.16 8.75 -9.69
CA CYS B 119 17.50 7.61 -10.32
C CYS B 119 16.67 8.05 -11.55
N ILE B 120 16.95 7.51 -12.72
CA ILE B 120 16.23 7.88 -13.96
C ILE B 120 15.21 6.84 -14.40
N PRO B 121 13.95 7.26 -14.65
CA PRO B 121 12.96 6.28 -15.16
C PRO B 121 13.37 5.73 -16.53
N THR B 122 13.26 4.41 -16.72
CA THR B 122 13.63 3.78 -17.99
C THR B 122 12.51 3.86 -19.04
N GLY B 123 11.27 4.01 -18.60
CA GLY B 123 10.16 4.09 -19.55
C GLY B 123 8.96 4.82 -18.97
N PRO B 124 7.84 4.92 -19.72
CA PRO B 124 6.61 5.63 -19.25
C PRO B 124 6.00 5.00 -17.99
N TYR B 125 5.24 5.77 -17.20
CA TYR B 125 4.56 5.25 -15.98
C TYR B 125 5.50 4.48 -15.02
N PRO B 126 6.61 5.11 -14.61
CA PRO B 126 7.52 4.42 -13.69
C PRO B 126 6.84 4.29 -12.31
N CYS B 127 7.24 3.30 -11.51
CA CYS B 127 6.62 3.12 -10.23
C CYS B 127 6.82 4.32 -9.31
N GLY B 128 5.80 4.56 -8.46
CA GLY B 128 5.92 5.54 -7.39
C GLY B 128 5.59 6.98 -7.73
N LYS B 129 5.29 7.26 -9.00
CA LYS B 129 4.95 8.63 -9.46
C LYS B 129 3.47 8.85 -9.76
N GLN B 130 2.91 9.88 -9.15
CA GLN B 130 1.51 10.27 -9.46
C GLN B 130 1.49 10.57 -10.96
N THR B 131 0.38 10.28 -11.66
CA THR B 131 0.35 10.47 -13.10
C THR B 131 -0.12 11.91 -13.47
N LEU B 132 0.51 12.51 -14.49
CA LEU B 132 0.13 13.85 -14.99
C LEU B 132 -0.43 13.86 -16.45
N GLU B 133 -0.29 12.75 -17.18
CA GLU B 133 -0.86 12.58 -18.54
C GLU B 133 -1.44 11.16 -18.70
CA CA C . -15.95 5.72 -12.24
CL1 GSK D . -6.05 0.08 9.44
C1 GSK D . -7.69 -0.39 9.80
C2 GSK D . -8.48 0.38 10.69
C3 GSK D . -9.82 0.00 11.02
C4 GSK D . -10.35 -1.15 10.42
C5 GSK D . -11.68 -1.55 10.71
C9 GSK D . -9.56 -1.96 9.48
C10 GSK D . -8.22 -1.56 9.20
C8 GSK D . -10.09 -3.14 8.90
C7 GSK D . -11.42 -3.52 9.23
C6 GSK D . -12.21 -2.71 10.11
S1 GSK D . -13.87 -3.20 10.56
O2 GSK D . -14.60 -3.66 9.42
O1 GSK D . -14.42 -2.14 11.38
N1 GSK D . -13.70 -4.57 11.41
C12 GSK D . -13.02 -4.69 12.71
C13 GSK D . -13.97 -5.20 13.80
C14 GSK D . -13.09 -6.00 14.78
C15 GSK D . -11.81 -5.62 12.83
O3 GSK D . -10.92 -5.75 11.99
N2 GSK D . -11.87 -6.27 14.02
C16 GSK D . -10.75 -7.09 14.53
C17 GSK D . -10.40 -6.73 15.99
C18 GSK D . -10.92 -8.59 14.35
O4 GSK D . -12.04 -9.07 14.28
N3 GSK D . -9.80 -9.35 14.19
C19 GSK D . -8.45 -8.83 13.88
C20 GSK D . -7.45 -9.37 14.88
O5 GSK D . -7.41 -10.76 14.66
C22 GSK D . -8.65 -11.44 14.94
C23 GSK D . -9.89 -10.81 14.29
#